data_6DEI
#
_entry.id   6DEI
#
_cell.length_a   41.442
_cell.length_b   51.235
_cell.length_c   117.848
_cell.angle_alpha   90.00
_cell.angle_beta   90.00
_cell.angle_gamma   90.00
#
_symmetry.space_group_name_H-M   'P 21 21 21'
#
loop_
_entity.id
_entity.type
_entity.pdbx_description
1 polymer 'Monopolin complex subunit CSM1'
2 polymer 'Protein DSE3'
3 non-polymer 'TRIETHYLENE GLYCOL'
4 non-polymer 'ACETATE ION'
5 water water
#
loop_
_entity_poly.entity_id
_entity_poly.type
_entity_poly.pdbx_seq_one_letter_code
_entity_poly.pdbx_strand_id
1 'polypeptide(L)'
;ENSEVIKDLYEYLCNVRVHKSYEDDSGLWFDISQGTHSGGSSDDYSIMDYKLGFVKGQAQVTEVIYAPVLKQRSTEELYS
LQSKLPEYLFETLSFPLSSLNQFYNKIAKSLNK
;
A,B
2 'polypeptide(L)' SNAFGGTLKLKKRLESVPELFLHD C,D
#
loop_
_chem_comp.id
_chem_comp.type
_chem_comp.name
_chem_comp.formula
ACT non-polymer 'ACETATE ION' 'C2 H3 O2 -1'
PGE non-polymer 'TRIETHYLENE GLYCOL' 'C6 H14 O4'
#
# COMPACT_ATOMS: atom_id res chain seq x y z
N ASN A 2 10.74 -7.96 12.27
CA ASN A 2 9.82 -6.84 12.29
C ASN A 2 9.45 -6.40 10.87
N SER A 3 10.45 -6.20 10.01
CA SER A 3 10.17 -5.68 8.68
C SER A 3 9.32 -6.65 7.87
N GLU A 4 9.52 -7.96 8.07
CA GLU A 4 8.69 -8.94 7.37
C GLU A 4 7.24 -8.87 7.82
N VAL A 5 7.03 -8.75 9.14
CA VAL A 5 5.67 -8.58 9.66
C VAL A 5 5.05 -7.31 9.09
N ILE A 6 5.83 -6.24 8.98
CA ILE A 6 5.29 -4.98 8.46
C ILE A 6 4.92 -5.11 7.00
N LYS A 7 5.76 -5.78 6.20
CA LYS A 7 5.40 -6.00 4.81
C LYS A 7 4.14 -6.84 4.69
N ASP A 8 3.97 -7.83 5.57
CA ASP A 8 2.75 -8.63 5.56
C ASP A 8 1.53 -7.78 5.88
N LEU A 9 1.64 -6.86 6.85
CA LEU A 9 0.52 -5.98 7.18
C LEU A 9 0.16 -5.08 6.00
N TYR A 10 1.16 -4.55 5.29
CA TYR A 10 0.87 -3.72 4.13
C TYR A 10 0.13 -4.51 3.07
N GLU A 11 0.44 -5.81 2.93
CA GLU A 11 -0.29 -6.61 1.96
C GLU A 11 -1.74 -6.80 2.40
N TYR A 12 -1.96 -7.10 3.69
CA TYR A 12 -3.34 -7.22 4.17
C TYR A 12 -4.10 -5.92 4.01
N LEU A 13 -3.41 -4.79 4.16
CA LEU A 13 -4.05 -3.48 4.12
C LEU A 13 -4.32 -3.04 2.68
N CYS A 14 -3.32 -3.17 1.80
CA CYS A 14 -3.32 -2.51 0.49
C CYS A 14 -3.22 -3.44 -0.71
N ASN A 15 -3.11 -4.74 -0.51
CA ASN A 15 -3.10 -5.70 -1.62
C ASN A 15 -1.91 -5.44 -2.56
N VAL A 16 -0.79 -5.02 -1.98
CA VAL A 16 0.45 -4.82 -2.72
C VAL A 16 1.61 -5.34 -1.88
N ARG A 17 2.61 -5.92 -2.54
CA ARG A 17 3.77 -6.45 -1.86
C ARG A 17 5.03 -6.07 -2.63
N VAL A 18 5.99 -5.51 -1.91
CA VAL A 18 7.34 -5.28 -2.42
C VAL A 18 8.16 -6.54 -2.12
N HIS A 19 8.49 -7.30 -3.16
CA HIS A 19 9.32 -8.48 -2.97
C HIS A 19 10.74 -8.12 -2.58
N LYS A 20 11.31 -7.11 -3.23
CA LYS A 20 12.64 -6.66 -2.87
C LYS A 20 12.87 -5.28 -3.46
N SER A 21 13.84 -4.58 -2.89
CA SER A 21 14.30 -3.29 -3.39
C SER A 21 15.81 -3.35 -3.61
N TYR A 22 16.29 -2.57 -4.55
CA TYR A 22 17.72 -2.53 -4.79
C TYR A 22 18.03 -1.30 -5.62
N GLU A 23 19.30 -0.89 -5.55
CA GLU A 23 19.81 0.23 -6.32
C GLU A 23 20.75 -0.29 -7.39
N ASP A 24 20.69 0.31 -8.58
CA ASP A 24 21.67 0.03 -9.63
C ASP A 24 22.18 1.38 -10.13
N ASP A 25 22.80 1.38 -11.30
CA ASP A 25 23.44 2.59 -11.79
C ASP A 25 22.43 3.61 -12.31
N SER A 26 21.17 3.23 -12.50
CA SER A 26 20.15 4.18 -12.92
C SER A 26 19.29 4.70 -11.77
N GLY A 27 19.09 3.93 -10.71
CA GLY A 27 18.27 4.41 -9.61
C GLY A 27 17.85 3.31 -8.66
N LEU A 28 16.67 3.50 -8.08
CA LEU A 28 16.15 2.65 -7.01
C LEU A 28 14.99 1.87 -7.57
N TRP A 29 15.05 0.55 -7.44
CA TRP A 29 14.10 -0.35 -8.07
C TRP A 29 13.35 -1.18 -7.03
N PHE A 30 12.12 -1.48 -7.34
CA PHE A 30 11.24 -2.31 -6.52
C PHE A 30 10.57 -3.37 -7.39
N ASP A 31 10.64 -4.62 -6.96
CA ASP A 31 9.88 -5.70 -7.59
C ASP A 31 8.60 -5.91 -6.78
N ILE A 32 7.46 -5.82 -7.45
CA ILE A 32 6.18 -5.71 -6.78
C ILE A 32 5.19 -6.69 -7.38
N SER A 33 4.33 -7.24 -6.52
CA SER A 33 3.10 -7.88 -6.95
C SER A 33 1.93 -7.07 -6.39
N GLN A 34 0.88 -6.91 -7.18
CA GLN A 34 -0.35 -6.27 -6.75
C GLN A 34 -1.53 -7.15 -7.15
N GLY A 35 -2.53 -7.26 -6.27
CA GLY A 35 -3.67 -8.10 -6.56
C GLY A 35 -4.97 -7.48 -6.10
N THR A 36 -6.06 -8.08 -6.56
CA THR A 36 -7.40 -7.66 -6.15
C THR A 36 -8.37 -8.79 -6.47
N HIS A 37 -9.40 -8.91 -5.64
CA HIS A 37 -10.45 -9.89 -5.91
C HIS A 37 -11.31 -9.41 -7.07
N SER A 38 -11.74 -10.35 -7.90
CA SER A 38 -12.47 -10.04 -9.13
C SER A 38 -13.56 -11.07 -9.39
N ASP A 44 -11.19 -15.86 -6.31
CA ASP A 44 -11.00 -15.10 -7.54
C ASP A 44 -10.14 -13.86 -7.27
N TYR A 45 -8.83 -14.01 -7.42
CA TYR A 45 -7.85 -12.98 -7.07
C TYR A 45 -6.91 -12.84 -8.25
N SER A 46 -6.93 -11.70 -8.91
CA SER A 46 -6.09 -11.44 -10.07
C SER A 46 -4.87 -10.65 -9.64
N ILE A 47 -3.71 -11.05 -10.14
CA ILE A 47 -2.43 -10.48 -9.72
C ILE A 47 -1.70 -9.93 -10.94
N MET A 48 -1.06 -8.78 -10.75
CA MET A 48 -0.12 -8.24 -11.72
C MET A 48 1.22 -8.05 -11.05
N ASP A 49 2.28 -8.55 -11.70
CA ASP A 49 3.65 -8.29 -11.29
C ASP A 49 4.21 -7.17 -12.15
N TYR A 50 5.01 -6.31 -11.54
CA TYR A 50 5.62 -5.20 -12.27
C TYR A 50 6.82 -4.69 -11.46
N LYS A 51 7.65 -3.93 -12.15
CA LYS A 51 8.78 -3.25 -11.55
C LYS A 51 8.49 -1.76 -11.51
N LEU A 52 8.88 -1.12 -10.43
CA LEU A 52 8.89 0.34 -10.35
C LEU A 52 10.31 0.80 -10.07
N GLY A 53 10.81 1.70 -10.89
CA GLY A 53 12.11 2.30 -10.70
C GLY A 53 11.96 3.78 -10.47
N PHE A 54 12.71 4.29 -9.51
CA PHE A 54 12.81 5.72 -9.24
C PHE A 54 14.17 6.15 -9.76
N VAL A 55 14.17 6.85 -10.90
CA VAL A 55 15.40 7.18 -11.61
C VAL A 55 15.44 8.67 -11.86
N LYS A 56 16.66 9.20 -11.93
CA LYS A 56 16.88 10.63 -12.14
C LYS A 56 17.77 10.84 -13.36
N GLY A 57 17.35 11.76 -14.21
CA GLY A 57 18.23 12.25 -15.25
C GLY A 57 19.27 13.20 -14.69
N GLN A 58 20.02 13.79 -15.60
CA GLN A 58 21.10 14.70 -15.19
C GLN A 58 20.59 15.84 -14.33
N ALA A 59 19.39 16.35 -14.63
CA ALA A 59 18.88 17.49 -13.86
C ALA A 59 18.18 17.05 -12.57
N GLN A 60 18.22 15.76 -12.24
CA GLN A 60 17.78 15.24 -10.95
C GLN A 60 16.27 15.28 -10.77
N VAL A 61 15.52 15.33 -11.86
CA VAL A 61 14.06 15.18 -11.79
C VAL A 61 13.72 13.70 -11.72
N THR A 62 12.98 13.31 -10.68
CA THR A 62 12.67 11.90 -10.51
C THR A 62 11.60 11.49 -11.50
N GLU A 63 11.86 10.40 -12.22
CA GLU A 63 10.86 9.71 -13.03
C GLU A 63 10.58 8.35 -12.43
N VAL A 64 9.32 7.95 -12.41
CA VAL A 64 8.96 6.60 -12.05
C VAL A 64 8.89 5.79 -13.34
N ILE A 65 9.67 4.73 -13.41
CA ILE A 65 9.68 3.83 -14.56
C ILE A 65 8.87 2.59 -14.18
N TYR A 66 7.92 2.23 -15.02
CA TYR A 66 7.09 1.05 -14.84
C TYR A 66 7.35 0.07 -15.97
N ALA A 67 7.51 -1.20 -15.60
CA ALA A 67 7.64 -2.29 -16.57
C ALA A 67 6.74 -3.43 -16.11
N PRO A 68 5.91 -3.99 -17.00
CA PRO A 68 5.14 -5.16 -16.62
C PRO A 68 6.07 -6.37 -16.56
N VAL A 69 5.74 -7.29 -15.67
CA VAL A 69 6.53 -8.52 -15.51
C VAL A 69 5.59 -9.68 -15.79
N LEU A 70 5.53 -10.09 -17.06
CA LEU A 70 4.59 -11.13 -17.47
C LEU A 70 5.10 -12.54 -17.18
N LYS A 71 6.42 -12.72 -17.01
CA LYS A 71 6.98 -14.05 -16.81
C LYS A 71 6.45 -14.72 -15.55
N GLN A 72 5.81 -13.95 -14.66
CA GLN A 72 5.27 -14.46 -13.40
C GLN A 72 3.84 -14.96 -13.54
N ARG A 73 3.29 -14.93 -14.75
CA ARG A 73 1.89 -15.27 -14.99
C ARG A 73 1.76 -16.63 -15.68
N SER A 74 0.64 -17.29 -15.41
CA SER A 74 0.22 -18.48 -16.12
C SER A 74 -0.39 -18.11 -17.48
N THR A 75 -0.53 -19.12 -18.34
CA THR A 75 -1.18 -18.94 -19.63
C THR A 75 -2.55 -18.27 -19.48
N GLU A 76 -3.44 -18.88 -18.69
CA GLU A 76 -4.79 -18.35 -18.57
C GLU A 76 -4.76 -16.96 -17.98
N GLU A 77 -3.85 -16.71 -17.02
CA GLU A 77 -3.76 -15.38 -16.42
C GLU A 77 -3.36 -14.33 -17.46
N LEU A 78 -2.51 -14.72 -18.40
CA LEU A 78 -2.09 -13.76 -19.45
C LEU A 78 -3.27 -13.44 -20.38
N TYR A 79 -4.09 -14.44 -20.72
CA TYR A 79 -5.31 -14.14 -21.49
C TYR A 79 -6.24 -13.23 -20.69
N SER A 80 -6.38 -13.51 -19.39
CA SER A 80 -7.24 -12.69 -18.54
C SER A 80 -6.74 -11.24 -18.49
N LEU A 81 -5.44 -11.06 -18.26
CA LEU A 81 -4.88 -9.71 -18.25
C LEU A 81 -5.18 -8.98 -19.55
N GLN A 82 -4.97 -9.64 -20.69
CA GLN A 82 -5.17 -9.00 -21.99
C GLN A 82 -6.60 -8.50 -22.15
N SER A 83 -7.55 -9.13 -21.47
CA SER A 83 -8.94 -8.70 -21.53
C SER A 83 -9.27 -7.60 -20.53
N LYS A 84 -8.40 -7.38 -19.54
CA LYS A 84 -8.69 -6.46 -18.45
C LYS A 84 -7.88 -5.17 -18.50
N LEU A 85 -6.60 -5.24 -18.83
CA LEU A 85 -5.72 -4.08 -18.66
C LEU A 85 -5.71 -3.22 -19.90
N PRO A 86 -5.68 -1.90 -19.75
CA PRO A 86 -5.42 -1.03 -20.91
C PRO A 86 -4.07 -1.36 -21.50
N GLU A 87 -3.96 -1.20 -22.82
CA GLU A 87 -2.79 -1.71 -23.54
C GLU A 87 -1.49 -1.09 -23.04
N TYR A 88 -1.53 0.16 -22.56
CA TYR A 88 -0.27 0.78 -22.16
C TYR A 88 0.34 0.14 -20.92
N LEU A 89 -0.43 -0.66 -20.16
CA LEU A 89 0.12 -1.36 -19.01
C LEU A 89 0.96 -2.58 -19.42
N PHE A 90 0.96 -2.93 -20.71
CA PHE A 90 1.87 -3.93 -21.24
C PHE A 90 3.13 -3.29 -21.83
N GLU A 91 3.29 -1.99 -21.68
CA GLU A 91 4.44 -1.24 -22.17
C GLU A 91 5.25 -0.72 -20.99
N THR A 92 6.50 -0.37 -21.27
CA THR A 92 7.26 0.42 -20.30
C THR A 92 6.70 1.83 -20.26
N LEU A 93 6.55 2.37 -19.05
CA LEU A 93 6.00 3.69 -18.87
C LEU A 93 6.92 4.51 -17.98
N SER A 94 6.82 5.83 -18.12
CA SER A 94 7.40 6.78 -17.19
C SER A 94 6.27 7.69 -16.71
N PHE A 95 6.32 8.07 -15.43
CA PHE A 95 5.38 9.05 -14.91
C PHE A 95 5.94 9.68 -13.66
N PRO A 96 5.52 10.90 -13.32
CA PRO A 96 6.08 11.59 -12.16
C PRO A 96 5.60 10.97 -10.86
N LEU A 97 6.32 11.29 -9.78
CA LEU A 97 5.95 10.78 -8.47
C LEU A 97 4.50 11.07 -8.14
N SER A 98 3.97 12.18 -8.67
CA SER A 98 2.62 12.61 -8.33
C SER A 98 1.54 11.73 -8.95
N SER A 99 1.90 10.81 -9.83
CA SER A 99 0.95 9.87 -10.41
C SER A 99 0.94 8.50 -9.74
N LEU A 100 1.75 8.29 -8.69
CA LEU A 100 1.91 6.94 -8.17
C LEU A 100 0.62 6.38 -7.61
N ASN A 101 -0.20 7.21 -6.97
CA ASN A 101 -1.45 6.67 -6.43
C ASN A 101 -2.49 6.47 -7.54
N GLN A 102 -2.43 7.30 -8.58
CA GLN A 102 -3.24 7.06 -9.77
C GLN A 102 -2.87 5.72 -10.40
N PHE A 103 -1.58 5.44 -10.49
CA PHE A 103 -1.10 4.16 -11.02
C PHE A 103 -1.63 3.00 -10.17
N TYR A 104 -1.44 3.07 -8.86
CA TYR A 104 -1.95 2.04 -7.97
C TYR A 104 -3.44 1.79 -8.22
N ASN A 105 -4.23 2.87 -8.26
CA ASN A 105 -5.67 2.71 -8.49
C ASN A 105 -5.96 2.16 -9.87
N LYS A 106 -5.16 2.50 -10.87
CA LYS A 106 -5.39 1.98 -12.21
C LYS A 106 -5.19 0.47 -12.27
N ILE A 107 -4.13 -0.04 -11.64
CA ILE A 107 -3.89 -1.49 -11.57
C ILE A 107 -5.05 -2.16 -10.86
N ALA A 108 -5.44 -1.60 -9.69
CA ALA A 108 -6.46 -2.23 -8.87
C ALA A 108 -7.79 -2.30 -9.63
N LYS A 109 -8.18 -1.20 -10.28
CA LYS A 109 -9.45 -1.20 -11.02
C LYS A 109 -9.38 -2.12 -12.23
N SER A 110 -8.24 -2.13 -12.91
CA SER A 110 -8.11 -2.95 -14.11
C SER A 110 -8.18 -4.43 -13.76
N LEU A 111 -7.55 -4.83 -12.65
CA LEU A 111 -7.55 -6.23 -12.26
C LEU A 111 -8.92 -6.67 -11.75
N ASN A 112 -9.71 -5.73 -11.25
CA ASN A 112 -11.02 -6.07 -10.69
C ASN A 112 -12.02 -6.38 -11.79
N LYS A 113 -11.91 -5.72 -12.93
CA LYS A 113 -12.80 -5.93 -14.07
C LYS A 113 -13.18 -7.39 -14.25
N SER B 3 14.02 -0.60 3.99
CA SER B 3 13.17 -0.50 5.17
C SER B 3 12.38 0.81 5.16
N GLU B 4 13.10 1.91 5.38
CA GLU B 4 12.48 3.23 5.29
C GLU B 4 12.02 3.52 3.86
N VAL B 5 12.83 3.17 2.87
CA VAL B 5 12.44 3.45 1.49
C VAL B 5 11.25 2.60 1.09
N ILE B 6 11.09 1.41 1.69
CA ILE B 6 9.93 0.58 1.40
C ILE B 6 8.65 1.25 1.88
N LYS B 7 8.65 1.75 3.12
CA LYS B 7 7.51 2.51 3.61
C LYS B 7 7.24 3.73 2.73
N ASP B 8 8.31 4.41 2.30
CA ASP B 8 8.12 5.55 1.41
C ASP B 8 7.39 5.13 0.15
N LEU B 9 7.75 3.98 -0.40
CA LEU B 9 7.08 3.48 -1.61
C LEU B 9 5.60 3.20 -1.34
N TYR B 10 5.30 2.48 -0.26
CA TYR B 10 3.90 2.21 0.05
C TYR B 10 3.13 3.52 0.26
N GLU B 11 3.76 4.55 0.84
CA GLU B 11 3.04 5.80 1.03
C GLU B 11 2.75 6.48 -0.31
N TYR B 12 3.75 6.57 -1.18
CA TYR B 12 3.51 7.10 -2.51
C TYR B 12 2.39 6.36 -3.22
N LEU B 13 2.41 5.03 -3.12
CA LEU B 13 1.48 4.22 -3.88
C LEU B 13 0.08 4.24 -3.28
N CYS B 14 -0.02 4.25 -1.95
CA CYS B 14 -1.28 3.97 -1.27
C CYS B 14 -1.71 4.99 -0.23
N ASN B 15 -0.92 6.05 0.00
CA ASN B 15 -1.33 7.11 0.94
C ASN B 15 -1.66 6.54 2.31
N VAL B 16 -0.81 5.62 2.78
CA VAL B 16 -0.92 5.01 4.09
C VAL B 16 0.49 4.79 4.60
N ARG B 17 0.66 4.83 5.91
CA ARG B 17 1.96 4.60 6.51
C ARG B 17 1.81 3.85 7.82
N VAL B 18 2.55 2.74 7.95
CA VAL B 18 2.73 2.05 9.20
C VAL B 18 3.93 2.68 9.89
N HIS B 19 3.68 3.52 10.90
CA HIS B 19 4.77 4.25 11.53
C HIS B 19 5.64 3.32 12.36
N LYS B 20 5.01 2.40 13.09
CA LYS B 20 5.69 1.68 14.15
C LYS B 20 4.85 0.45 14.49
N SER B 21 5.54 -0.60 14.91
CA SER B 21 4.91 -1.79 15.48
C SER B 21 5.51 -1.99 16.86
N TYR B 22 4.68 -2.39 17.82
CA TYR B 22 5.16 -2.58 19.18
C TYR B 22 4.22 -3.51 19.92
N GLU B 23 4.74 -4.08 21.00
CA GLU B 23 4.01 -5.04 21.79
C GLU B 23 3.66 -4.45 23.15
N ASP B 24 2.53 -4.90 23.68
CA ASP B 24 2.07 -4.52 25.01
C ASP B 24 1.42 -5.75 25.61
N ASP B 25 0.95 -5.63 26.85
CA ASP B 25 0.28 -6.76 27.49
C ASP B 25 -0.91 -7.22 26.66
N SER B 26 -1.62 -6.26 26.05
CA SER B 26 -2.80 -6.58 25.26
C SER B 26 -2.45 -7.41 24.02
N GLY B 27 -1.35 -7.09 23.35
CA GLY B 27 -1.03 -7.85 22.14
C GLY B 27 0.02 -7.13 21.30
N LEU B 28 -0.08 -7.35 19.98
CA LEU B 28 0.80 -6.75 18.98
C LEU B 28 0.04 -5.64 18.25
N TRP B 29 0.67 -4.48 18.13
CA TRP B 29 -0.02 -3.30 17.63
C TRP B 29 0.79 -2.54 16.60
N PHE B 30 0.09 -1.82 15.73
CA PHE B 30 0.68 -1.01 14.69
C PHE B 30 0.05 0.37 14.69
N ASP B 31 0.89 1.41 14.59
CA ASP B 31 0.42 2.78 14.44
C ASP B 31 0.32 3.12 12.95
N ILE B 32 -0.86 3.57 12.53
CA ILE B 32 -1.18 3.77 11.12
C ILE B 32 -1.70 5.19 10.91
N SER B 33 -1.31 5.82 9.80
CA SER B 33 -1.96 7.02 9.29
C SER B 33 -2.34 6.79 7.83
N GLN B 34 -3.50 7.30 7.46
CA GLN B 34 -3.95 7.34 6.07
C GLN B 34 -4.26 8.79 5.70
N GLY B 35 -3.94 9.16 4.48
CA GLY B 35 -4.08 10.54 4.06
C GLY B 35 -4.83 10.67 2.75
N THR B 36 -5.41 11.86 2.56
CA THR B 36 -6.03 12.22 1.29
C THR B 36 -5.02 12.09 0.16
N HIS B 37 -5.50 11.78 -1.03
CA HIS B 37 -4.57 11.66 -2.14
C HIS B 37 -4.05 13.04 -2.55
N SER B 38 -2.84 13.05 -3.11
CA SER B 38 -2.10 14.28 -3.35
C SER B 38 -2.97 15.35 -4.02
N GLY B 39 -2.88 16.57 -3.50
CA GLY B 39 -3.59 17.70 -4.05
C GLY B 39 -2.66 18.86 -4.40
N GLY B 40 -3.24 20.02 -4.69
CA GLY B 40 -2.46 21.22 -4.92
C GLY B 40 -2.22 21.99 -3.65
N SER B 41 -1.62 23.17 -3.80
CA SER B 41 -1.30 23.98 -2.63
C SER B 41 -2.57 24.42 -1.90
N SER B 42 -3.63 24.73 -2.64
CA SER B 42 -4.88 25.17 -2.04
C SER B 42 -5.83 24.01 -1.73
N ASP B 43 -5.42 22.76 -1.96
CA ASP B 43 -6.35 21.64 -1.85
C ASP B 43 -6.42 21.10 -0.44
N ASP B 44 -7.59 20.55 -0.11
CA ASP B 44 -7.83 19.96 1.20
C ASP B 44 -6.94 18.73 1.42
N TYR B 45 -6.50 18.55 2.67
CA TYR B 45 -5.74 17.37 3.05
C TYR B 45 -6.21 16.90 4.41
N SER B 46 -6.83 15.73 4.45
CA SER B 46 -7.31 15.11 5.68
C SER B 46 -6.46 13.89 6.01
N ILE B 47 -6.31 13.60 7.29
CA ILE B 47 -5.55 12.46 7.76
C ILE B 47 -6.34 11.75 8.84
N MET B 48 -6.43 10.43 8.75
CA MET B 48 -7.04 9.59 9.77
C MET B 48 -5.93 8.74 10.40
N ASP B 49 -5.83 8.78 11.73
CA ASP B 49 -4.90 7.97 12.47
C ASP B 49 -5.63 6.85 13.21
N TYR B 50 -5.02 5.66 13.20
CA TYR B 50 -5.64 4.55 13.92
C TYR B 50 -4.57 3.52 14.22
N LYS B 51 -4.89 2.62 15.14
CA LYS B 51 -4.04 1.47 15.44
C LYS B 51 -4.72 0.19 15.00
N LEU B 52 -3.91 -0.78 14.62
CA LEU B 52 -4.38 -2.14 14.33
C LEU B 52 -3.73 -3.07 15.33
N GLY B 53 -4.53 -3.94 15.95
CA GLY B 53 -4.06 -4.81 16.99
C GLY B 53 -4.35 -6.26 16.67
N PHE B 54 -3.42 -7.13 17.09
CA PHE B 54 -3.54 -8.57 16.86
C PHE B 54 -3.26 -9.30 18.17
N VAL B 55 -4.19 -10.14 18.56
CA VAL B 55 -4.06 -10.92 19.79
C VAL B 55 -4.22 -12.40 19.45
N THR B 62 -8.66 -15.45 11.77
CA THR B 62 -7.84 -14.42 12.42
C THR B 62 -8.54 -13.06 12.37
N GLU B 63 -8.57 -12.42 13.53
CA GLU B 63 -9.28 -11.17 13.76
C GLU B 63 -8.29 -10.05 14.00
N VAL B 64 -8.62 -8.86 13.49
CA VAL B 64 -7.83 -7.66 13.75
C VAL B 64 -8.70 -6.64 14.47
N ILE B 65 -8.10 -5.90 15.38
CA ILE B 65 -8.78 -4.84 16.10
C ILE B 65 -8.41 -3.52 15.43
N TYR B 66 -9.42 -2.70 15.16
CA TYR B 66 -9.24 -1.36 14.62
C TYR B 66 -9.59 -0.40 15.75
N ALA B 67 -8.62 0.44 16.10
CA ALA B 67 -8.79 1.42 17.18
C ALA B 67 -8.43 2.81 16.68
N PRO B 68 -9.42 3.66 16.39
CA PRO B 68 -9.11 5.01 15.90
C PRO B 68 -8.40 5.85 16.94
N VAL B 69 -7.48 6.69 16.47
CA VAL B 69 -6.65 7.53 17.33
C VAL B 69 -7.10 8.97 17.14
N LEU B 70 -7.84 9.48 18.13
CA LEU B 70 -8.59 10.72 17.97
C LEU B 70 -8.31 11.77 19.03
N LYS B 71 -7.71 11.43 20.16
CA LYS B 71 -7.73 12.32 21.32
C LYS B 71 -6.91 13.58 21.10
N GLN B 72 -5.89 13.53 20.26
CA GLN B 72 -5.03 14.70 20.04
C GLN B 72 -5.37 15.43 18.75
N ARG B 73 -6.53 15.16 18.18
CA ARG B 73 -7.03 15.89 17.02
C ARG B 73 -7.87 17.07 17.51
N SER B 74 -7.69 18.21 16.85
CA SER B 74 -8.45 19.40 17.18
C SER B 74 -9.95 19.14 17.00
N THR B 75 -10.76 19.99 17.64
CA THR B 75 -12.20 19.93 17.45
C THR B 75 -12.56 20.09 15.97
N GLU B 76 -11.89 21.01 15.28
CA GLU B 76 -12.17 21.22 13.87
C GLU B 76 -11.74 20.06 13.02
N GLU B 77 -10.64 19.38 13.37
CA GLU B 77 -10.21 18.21 12.61
C GLU B 77 -11.21 17.08 12.75
N LEU B 78 -11.65 16.80 13.98
CA LEU B 78 -12.59 15.72 14.20
C LEU B 78 -13.92 15.99 13.51
N TYR B 79 -14.42 17.23 13.59
CA TYR B 79 -15.66 17.57 12.90
C TYR B 79 -15.54 17.30 11.41
N SER B 80 -14.42 17.72 10.80
CA SER B 80 -14.21 17.48 9.38
C SER B 80 -14.14 15.98 9.06
N LEU B 81 -13.39 15.21 9.87
CA LEU B 81 -13.32 13.77 9.65
C LEU B 81 -14.68 13.10 9.78
N GLN B 82 -15.46 13.50 10.78
CA GLN B 82 -16.79 12.92 10.99
C GLN B 82 -17.76 13.28 9.89
N SER B 83 -17.46 14.33 9.11
CA SER B 83 -18.28 14.70 7.96
C SER B 83 -17.97 13.85 6.74
N LYS B 84 -16.83 13.17 6.72
CA LYS B 84 -16.38 12.42 5.56
C LYS B 84 -16.43 10.91 5.76
N LEU B 85 -16.00 10.43 6.92
CA LEU B 85 -15.99 8.99 7.20
C LEU B 85 -17.28 8.59 7.89
N PRO B 86 -17.75 7.36 7.64
CA PRO B 86 -18.92 6.85 8.33
C PRO B 86 -18.67 6.73 9.83
N GLU B 87 -19.77 6.76 10.59
CA GLU B 87 -19.68 6.87 12.04
C GLU B 87 -18.94 5.69 12.67
N TYR B 88 -19.07 4.48 12.09
CA TYR B 88 -18.44 3.33 12.73
C TYR B 88 -16.90 3.41 12.73
N LEU B 89 -16.31 4.21 11.84
CA LEU B 89 -14.87 4.32 11.80
C LEU B 89 -14.30 5.18 12.94
N PHE B 90 -15.17 5.69 13.82
CA PHE B 90 -14.76 6.41 15.02
C PHE B 90 -14.97 5.57 16.26
N GLU B 91 -15.27 4.28 16.09
CA GLU B 91 -15.41 3.33 17.19
C GLU B 91 -14.34 2.26 17.06
N THR B 92 -14.07 1.58 18.17
CA THR B 92 -13.19 0.42 18.12
C THR B 92 -13.96 -0.74 17.51
N LEU B 93 -13.33 -1.45 16.58
CA LEU B 93 -13.97 -2.51 15.83
C LEU B 93 -13.10 -3.74 15.83
N SER B 94 -13.74 -4.89 15.64
N SER B 94 -13.74 -4.90 15.68
CA SER B 94 -13.06 -6.16 15.51
CA SER B 94 -13.05 -6.17 15.52
C SER B 94 -13.66 -6.89 14.32
C SER B 94 -13.66 -6.91 14.33
N PHE B 95 -12.82 -7.32 13.39
CA PHE B 95 -13.30 -7.97 12.18
C PHE B 95 -12.20 -8.84 11.61
N PRO B 96 -12.52 -9.70 10.63
CA PRO B 96 -11.51 -10.59 10.08
C PRO B 96 -10.37 -9.85 9.41
N LEU B 97 -9.15 -10.29 9.67
CA LEU B 97 -7.99 -9.72 9.00
C LEU B 97 -8.15 -9.76 7.49
N SER B 98 -8.80 -10.79 6.97
CA SER B 98 -9.03 -10.89 5.53
C SER B 98 -9.92 -9.79 4.98
N SER B 99 -10.61 -9.03 5.84
CA SER B 99 -11.44 -7.91 5.42
C SER B 99 -10.72 -6.57 5.53
N LEU B 100 -9.49 -6.54 6.01
CA LEU B 100 -8.85 -5.27 6.34
C LEU B 100 -8.74 -4.36 5.12
N ASN B 101 -8.51 -4.93 3.93
CA ASN B 101 -8.36 -4.09 2.75
C ASN B 101 -9.63 -3.30 2.45
N GLN B 102 -10.79 -3.84 2.81
CA GLN B 102 -12.06 -3.13 2.62
C GLN B 102 -12.07 -1.83 3.42
N PHE B 103 -11.49 -1.83 4.62
CA PHE B 103 -11.46 -0.66 5.46
C PHE B 103 -10.40 0.33 5.02
N TYR B 104 -9.23 -0.17 4.58
CA TYR B 104 -8.28 0.70 3.90
C TYR B 104 -8.99 1.45 2.76
N ASN B 105 -9.68 0.70 1.89
CA ASN B 105 -10.34 1.30 0.75
C ASN B 105 -11.37 2.34 1.19
N LYS B 106 -12.23 1.97 2.16
CA LYS B 106 -13.27 2.89 2.59
C LYS B 106 -12.67 4.17 3.17
N ILE B 107 -11.63 4.04 3.99
CA ILE B 107 -11.00 5.21 4.58
C ILE B 107 -10.38 6.08 3.49
N ALA B 108 -9.68 5.46 2.54
CA ALA B 108 -9.02 6.21 1.47
C ALA B 108 -10.03 7.02 0.68
N LYS B 109 -11.14 6.38 0.28
CA LYS B 109 -12.18 7.10 -0.46
C LYS B 109 -12.79 8.21 0.38
N SER B 110 -13.06 7.92 1.66
CA SER B 110 -13.72 8.91 2.52
C SER B 110 -12.86 10.15 2.68
N LEU B 111 -11.56 9.96 2.88
CA LEU B 111 -10.63 11.08 3.04
C LEU B 111 -10.53 11.93 1.77
N ASN B 112 -10.90 11.40 0.61
CA ASN B 112 -10.85 12.14 -0.64
C ASN B 112 -12.11 12.97 -0.89
N LYS B 113 -13.06 12.97 0.04
CA LYS B 113 -14.24 13.83 -0.06
C LYS B 113 -13.85 15.31 0.15
N SER C 1 -0.27 -19.70 6.93
CA SER C 1 0.78 -20.68 6.68
C SER C 1 2.06 -19.99 6.22
N ASN C 2 1.93 -18.89 5.49
CA ASN C 2 3.07 -18.09 5.07
C ASN C 2 3.03 -16.67 5.61
N ALA C 3 2.15 -16.37 6.56
CA ALA C 3 2.06 -15.03 7.13
C ALA C 3 1.41 -15.16 8.50
N PHE C 4 1.41 -14.04 9.26
CA PHE C 4 0.99 -14.12 10.65
C PHE C 4 -0.51 -14.36 10.79
N GLY C 5 -1.32 -13.86 9.85
CA GLY C 5 -2.75 -14.02 9.92
C GLY C 5 -3.36 -15.05 9.01
N GLY C 6 -2.55 -15.87 8.34
CA GLY C 6 -3.08 -16.83 7.40
C GLY C 6 -2.19 -16.99 6.19
N THR C 7 -2.78 -16.89 5.00
CA THR C 7 -2.05 -17.06 3.75
C THR C 7 -2.19 -15.81 2.89
N LEU C 8 -1.06 -15.27 2.47
CA LEU C 8 -1.00 -14.08 1.63
C LEU C 8 -0.65 -14.51 0.21
N LYS C 9 -1.56 -14.25 -0.73
CA LYS C 9 -1.40 -14.76 -2.08
C LYS C 9 -0.26 -14.09 -2.83
N LEU C 10 0.08 -12.84 -2.47
CA LEU C 10 1.13 -12.16 -3.21
C LEU C 10 2.53 -12.61 -2.80
N LYS C 11 2.66 -13.27 -1.66
CA LYS C 11 3.94 -13.74 -1.17
C LYS C 11 4.39 -15.01 -1.88
N LYS C 12 3.48 -15.69 -2.57
CA LYS C 12 3.81 -16.89 -3.33
C LYS C 12 4.15 -16.49 -4.76
N ARG C 13 5.33 -16.90 -5.21
CA ARG C 13 5.86 -16.45 -6.50
C ARG C 13 6.16 -17.62 -7.41
N LEU C 14 5.83 -17.45 -8.70
CA LEU C 14 6.18 -18.44 -9.70
C LEU C 14 7.69 -18.40 -9.97
N GLU C 15 8.29 -19.57 -10.11
CA GLU C 15 9.63 -19.71 -10.65
C GLU C 15 9.48 -19.96 -12.15
N SER C 16 9.86 -18.98 -12.97
CA SER C 16 9.47 -19.03 -14.39
C SER C 16 10.28 -20.07 -15.15
N VAL C 17 11.59 -20.16 -14.86
CA VAL C 17 12.43 -21.11 -15.58
C VAL C 17 13.26 -21.93 -14.59
N PRO C 18 12.60 -22.77 -13.78
CA PRO C 18 13.32 -23.51 -12.74
C PRO C 18 14.36 -24.49 -13.27
N GLU C 19 14.23 -24.94 -14.52
CA GLU C 19 15.13 -25.96 -15.06
C GLU C 19 16.25 -25.35 -15.92
N LEU C 20 16.49 -24.06 -15.77
CA LEU C 20 17.55 -23.38 -16.49
C LEU C 20 18.94 -23.89 -16.05
N PHE C 21 19.81 -24.12 -17.04
CA PHE C 21 21.18 -24.57 -16.78
C PHE C 21 22.12 -23.82 -17.74
N LEU C 22 22.82 -22.83 -17.21
CA LEU C 22 23.78 -22.05 -18.00
C LEU C 22 25.07 -22.83 -18.19
N HIS C 23 25.41 -23.14 -19.44
CA HIS C 23 26.59 -23.90 -19.76
C HIS C 23 27.07 -23.54 -21.16
N ASP C 24 28.20 -24.12 -21.57
CA ASP C 24 28.71 -23.93 -22.93
C ASP C 24 28.37 -25.13 -23.80
N THR D 7 7.40 14.65 -1.54
CA THR D 7 6.84 15.02 -0.26
C THR D 7 5.93 13.92 0.29
N LEU D 8 6.32 13.38 1.45
CA LEU D 8 5.57 12.32 2.12
C LEU D 8 4.88 12.95 3.31
N LYS D 9 3.60 13.30 3.14
CA LYS D 9 2.89 14.04 4.17
C LYS D 9 2.71 13.23 5.44
N LEU D 10 2.54 11.91 5.32
CA LEU D 10 2.27 11.10 6.51
C LEU D 10 3.56 10.88 7.30
N LYS D 11 4.68 10.72 6.60
CA LYS D 11 5.97 10.62 7.25
C LYS D 11 6.23 11.84 8.13
N LYS D 12 5.93 13.04 7.61
CA LYS D 12 6.13 14.27 8.36
C LYS D 12 4.97 14.58 9.30
N ARG D 13 3.84 13.89 9.17
CA ARG D 13 2.73 14.12 10.08
C ARG D 13 3.14 13.88 11.53
N LEU D 14 3.80 12.75 11.79
CA LEU D 14 4.19 12.43 13.15
C LEU D 14 5.14 13.47 13.71
N GLU D 15 5.81 14.23 12.85
CA GLU D 15 6.66 15.31 13.32
C GLU D 15 5.86 16.51 13.82
N SER D 16 4.64 16.70 13.33
CA SER D 16 3.82 17.80 13.82
C SER D 16 3.12 17.44 15.14
N VAL D 17 2.83 16.16 15.37
CA VAL D 17 2.26 15.70 16.63
C VAL D 17 3.06 14.49 17.11
N PRO D 18 4.22 14.69 17.74
CA PRO D 18 5.09 13.53 18.02
C PRO D 18 4.51 12.51 18.99
N GLU D 19 3.65 12.91 19.93
CA GLU D 19 3.08 11.99 20.90
C GLU D 19 1.69 11.52 20.50
N LEU D 20 1.33 11.68 19.23
CA LEU D 20 0.01 11.33 18.72
C LEU D 20 -0.44 9.94 19.16
N PHE D 21 0.42 8.94 19.00
CA PHE D 21 0.06 7.57 19.29
C PHE D 21 0.42 7.16 20.73
N LEU D 22 1.07 8.03 21.49
CA LEU D 22 1.48 7.70 22.84
C LEU D 22 0.33 7.78 23.82
N HIS D 23 -0.68 8.61 23.54
CA HIS D 23 -1.81 8.78 24.44
C HIS D 23 -2.93 9.58 23.78
C1 PGE E . 2.80 -16.07 -24.79
O1 PGE E . 3.20 -14.73 -25.06
C2 PGE E . 1.72 -16.12 -23.72
O2 PGE E . 0.62 -15.33 -24.11
C3 PGE E . -0.63 -15.93 -23.91
C4 PGE E . -1.70 -14.86 -24.08
O4 PGE E . -3.34 -13.43 -27.90
C6 PGE E . -2.67 -14.66 -27.63
C5 PGE E . -2.73 -14.95 -26.15
O3 PGE E . -1.66 -14.39 -25.41
H1 PGE E . 2.40 -16.56 -25.69
H12 PGE E . 3.65 -16.68 -24.43
HO1 PGE E . 2.47 -14.15 -24.82
H2 PGE E . 1.41 -17.17 -23.58
H22 PGE E . 2.14 -15.76 -22.77
H3 PGE E . -0.82 -16.75 -24.63
H32 PGE E . -0.72 -16.37 -22.90
H4 PGE E . -2.69 -15.29 -23.84
H42 PGE E . -1.52 -14.05 -23.36
HO4 PGE E . -3.13 -13.17 -28.80
H6 PGE E . -1.61 -14.62 -27.94
H62 PGE E . -3.14 -15.50 -28.18
H5 PGE E . -2.73 -16.05 -26.03
H52 PGE E . -3.69 -14.58 -25.78
C ACT F . 25.93 -1.36 -9.85
O ACT F . 25.07 -0.52 -10.22
OXT ACT F . 27.20 -1.21 -9.76
CH3 ACT F . 25.39 -2.76 -9.51
H1 ACT F . 24.42 -2.75 -9.60
H2 ACT F . 25.63 -2.99 -8.60
H3 ACT F . 25.76 -3.41 -10.13
C1 PGE G . -0.78 0.65 22.90
O1 PGE G . -0.56 1.56 21.83
C2 PGE G . -1.88 -0.32 22.51
O2 PGE G . -3.03 0.43 22.22
C3 PGE G . -4.18 -0.36 22.03
C4 PGE G . -5.41 0.54 22.05
O4 PGE G . -5.07 4.83 21.38
C6 PGE G . -6.04 3.94 20.85
C5 PGE G . -6.14 2.72 21.74
O3 PGE G . -5.09 1.81 21.49
H1 PGE G . 0.13 0.07 23.13
H12 PGE G . -1.08 1.16 23.83
HO1 PGE G . -0.78 1.10 21.01
H2 PGE G . -1.56 -0.91 21.63
H22 PGE G . -2.06 -1.02 23.34
H3 PGE G . -4.14 -0.88 21.06
H32 PGE G . -4.27 -1.11 22.83
H4 PGE G . -6.21 0.05 21.48
H42 PGE G . -5.75 0.64 23.09
HO4 PGE G . -4.99 5.58 20.77
H6 PGE G . -5.76 3.60 19.83
H62 PGE G . -7.04 4.41 20.78
H5 PGE G . -7.12 2.25 21.56
H52 PGE G . -6.13 3.06 22.79
#